data_8SOZ
#
_entry.id   8SOZ
#
_cell.length_a   137.192
_cell.length_b   36.419
_cell.length_c   64.189
_cell.angle_alpha   90.00
_cell.angle_beta   108.12
_cell.angle_gamma   90.00
#
_symmetry.space_group_name_H-M   'C 1 2 1'
#
loop_
_entity.id
_entity.type
_entity.pdbx_description
1 polymer '602 single chain fragment variable'
2 polymer Interleukin-2
3 water water
#
loop_
_entity_poly.entity_id
_entity_poly.type
_entity_poly.pdbx_seq_one_letter_code
_entity_poly.pdbx_strand_id
1 'polypeptide(L)'
;EVQLQESGPGLVAPSQSLSITCTVSGFSLTNYDISWIRQPPGKGLEWLGVIWTGGGTNYNSGFMSRLSITKDNSKSQVFL
KMNSLQTDDTAIYYCVRQGRTPYWGQGTLVTVSAGILGSGGGGSGGGGSGGGGSDIQVTQSPSSLSVSLGDRVTITCKAS
KDIYNRLAWYQQKPGNAPRLLISGATSLETGVPSRFSGSGSGKDYTLTITSLQTEDVATYYCQQFWGTPYTFGGGTKLEI
K
;
C
2 'polypeptide(L)'
;AGSAPTSSSTKKTQLQLEHLLLDLQMILNGINNYKNPKLTRMLTFKFYMPKKATELKHLQCLEEELKPLEEVLNLAQSKN
FHLRPRDLISNINVIVLELKGSETTFMCEYADETATIVEFLNRWITFCQSIISTLTAAA
;
A
#
# COMPACT_ATOMS: atom_id res chain seq x y z
N GLU A 1 -11.04 -16.25 -6.32
CA GLU A 1 -9.87 -16.20 -7.21
C GLU A 1 -9.65 -14.79 -7.76
N VAL A 2 -8.62 -14.14 -7.25
CA VAL A 2 -8.30 -12.76 -7.63
C VAL A 2 -7.60 -12.76 -8.98
N GLN A 3 -8.08 -11.94 -9.90
CA GLN A 3 -7.47 -11.76 -11.21
C GLN A 3 -7.58 -10.30 -11.63
N LEU A 4 -6.53 -9.78 -12.27
CA LEU A 4 -6.56 -8.52 -13.02
C LEU A 4 -6.01 -8.77 -14.41
N GLN A 5 -6.64 -8.17 -15.42
CA GLN A 5 -6.29 -8.43 -16.83
C GLN A 5 -6.27 -7.12 -17.61
N GLU A 6 -5.10 -6.71 -18.10
CA GLU A 6 -4.98 -5.48 -18.88
C GLU A 6 -5.14 -5.75 -20.37
N SER A 7 -6.03 -4.97 -21.02
CA SER A 7 -6.16 -5.00 -22.48
C SER A 7 -5.76 -3.65 -23.05
N GLY A 8 -4.76 -3.65 -23.95
CA GLY A 8 -4.35 -2.42 -24.59
C GLY A 8 -4.33 -2.53 -26.12
N PRO A 9 -3.99 -1.42 -26.78
CA PRO A 9 -4.05 -1.35 -28.25
C PRO A 9 -2.86 -1.93 -29.01
N GLY A 10 -1.82 -2.38 -28.32
CA GLY A 10 -0.68 -2.98 -28.98
C GLY A 10 0.24 -1.94 -29.59
N LEU A 11 -0.23 -1.29 -30.63
CA LEU A 11 0.55 -0.31 -31.38
C LEU A 11 -0.28 0.95 -31.51
N VAL A 12 0.31 2.11 -31.22
CA VAL A 12 -0.38 3.40 -31.35
C VAL A 12 0.54 4.39 -32.04
N ALA A 13 -0.07 5.27 -32.84
CA ALA A 13 0.62 6.37 -33.49
C ALA A 13 0.92 7.48 -32.48
N PRO A 14 2.01 8.23 -32.66
CA PRO A 14 2.41 9.20 -31.63
C PRO A 14 1.51 10.44 -31.56
N SER A 15 0.63 10.69 -32.52
CA SER A 15 -0.28 11.82 -32.39
C SER A 15 -1.65 11.43 -31.85
N GLN A 16 -1.80 10.21 -31.35
CA GLN A 16 -3.09 9.70 -30.90
C GLN A 16 -3.03 9.46 -29.39
N SER A 17 -4.14 9.00 -28.81
CA SER A 17 -4.20 8.69 -27.39
C SER A 17 -4.02 7.19 -27.15
N LEU A 18 -3.61 6.85 -25.93
CA LEU A 18 -3.50 5.48 -25.47
C LEU A 18 -4.63 5.21 -24.50
N SER A 19 -5.39 4.13 -24.72
CA SER A 19 -6.43 3.71 -23.79
C SER A 19 -6.23 2.25 -23.41
N ILE A 20 -6.20 1.97 -22.10
CA ILE A 20 -6.07 0.60 -21.60
C ILE A 20 -7.22 0.30 -20.65
N THR A 21 -7.74 -0.92 -20.71
CA THR A 21 -8.79 -1.40 -19.82
C THR A 21 -8.26 -2.48 -18.90
N CYS A 22 -8.47 -2.31 -17.59
CA CYS A 22 -8.14 -3.32 -16.58
C CYS A 22 -9.47 -3.96 -16.15
N THR A 23 -9.66 -5.25 -16.45
CA THR A 23 -10.86 -5.99 -16.03
C THR A 23 -10.49 -6.86 -14.83
N VAL A 24 -11.23 -6.71 -13.72
CA VAL A 24 -10.87 -7.44 -12.49
C VAL A 24 -11.95 -8.49 -12.18
N SER A 25 -11.52 -9.54 -11.46
CA SER A 25 -12.47 -10.55 -11.00
C SER A 25 -12.05 -11.05 -9.63
N GLY A 26 -13.04 -11.50 -8.85
CA GLY A 26 -12.79 -12.06 -7.55
C GLY A 26 -12.89 -11.09 -6.40
N PHE A 27 -13.21 -9.83 -6.67
CA PHE A 27 -13.32 -8.76 -5.70
C PHE A 27 -14.02 -7.59 -6.40
N SER A 28 -14.43 -6.60 -5.60
CA SER A 28 -15.20 -5.46 -6.06
C SER A 28 -14.35 -4.19 -6.00
N LEU A 29 -14.51 -3.34 -7.01
CA LEU A 29 -13.83 -2.04 -7.04
C LEU A 29 -14.38 -1.09 -5.99
N THR A 30 -15.55 -1.39 -5.43
CA THR A 30 -16.07 -0.60 -4.32
C THR A 30 -15.31 -0.86 -3.02
N ASN A 31 -14.43 -1.87 -2.97
CA ASN A 31 -13.71 -2.24 -1.76
C ASN A 31 -12.20 -2.05 -1.85
N TYR A 32 -11.64 -1.79 -3.05
CA TYR A 32 -10.19 -1.75 -3.25
C TYR A 32 -9.77 -0.62 -4.19
N ASP A 33 -8.66 0.03 -3.85
CA ASP A 33 -8.01 1.00 -4.72
C ASP A 33 -7.25 0.26 -5.81
N ILE A 34 -7.14 0.86 -7.01
CA ILE A 34 -6.38 0.29 -8.15
C ILE A 34 -5.29 1.28 -8.59
N SER A 35 -4.03 0.84 -8.61
CA SER A 35 -2.94 1.65 -9.14
C SER A 35 -2.61 1.25 -10.57
N TRP A 36 -2.05 2.19 -11.34
CA TRP A 36 -1.47 1.91 -12.65
C TRP A 36 0.04 2.12 -12.57
N ILE A 37 0.82 1.18 -13.09
CA ILE A 37 2.28 1.24 -13.10
C ILE A 37 2.78 0.92 -14.50
N ARG A 38 3.97 1.43 -14.85
CA ARG A 38 4.54 1.10 -16.15
C ARG A 38 6.03 0.82 -16.04
N GLN A 39 6.56 0.19 -17.09
CA GLN A 39 7.95 -0.25 -17.12
C GLN A 39 8.43 -0.16 -18.55
N PRO A 40 9.15 0.91 -18.89
CA PRO A 40 9.77 0.98 -20.22
C PRO A 40 10.77 -0.15 -20.39
N PRO A 41 10.87 -0.72 -21.58
CA PRO A 41 11.80 -1.83 -21.79
C PRO A 41 13.19 -1.49 -21.26
N GLY A 42 13.74 -2.43 -20.47
CA GLY A 42 15.06 -2.30 -19.88
C GLY A 42 15.18 -1.34 -18.71
N LYS A 43 14.08 -0.76 -18.23
CA LYS A 43 14.12 0.27 -17.19
C LYS A 43 13.40 -0.23 -15.93
N GLY A 44 13.33 0.64 -14.93
CA GLY A 44 12.68 0.29 -13.68
C GLY A 44 11.17 0.52 -13.72
N LEU A 45 10.53 0.19 -12.60
CA LEU A 45 9.10 0.38 -12.42
C LEU A 45 8.80 1.82 -12.03
N GLU A 46 7.72 2.38 -12.57
CA GLU A 46 7.27 3.69 -12.13
C GLU A 46 5.75 3.73 -11.93
N TRP A 47 5.35 4.29 -10.79
CA TRP A 47 3.92 4.46 -10.45
C TRP A 47 3.33 5.64 -11.21
N LEU A 48 2.17 5.42 -11.86
CA LEU A 48 1.49 6.47 -12.62
C LEU A 48 0.35 7.13 -11.86
N GLY A 49 -0.42 6.36 -11.10
CA GLY A 49 -1.53 6.95 -10.38
C GLY A 49 -2.39 5.86 -9.79
N VAL A 50 -3.42 6.29 -9.06
CA VAL A 50 -4.33 5.38 -8.37
C VAL A 50 -5.74 5.94 -8.48
N ILE A 51 -6.73 5.05 -8.54
CA ILE A 51 -8.15 5.46 -8.43
C ILE A 51 -8.70 4.84 -7.15
N TRP A 52 -9.20 5.71 -6.24
CA TRP A 52 -9.61 5.29 -4.90
C TRP A 52 -10.96 4.59 -4.95
N THR A 53 -11.25 3.82 -3.89
CA THR A 53 -12.54 3.13 -3.80
C THR A 53 -13.68 4.12 -4.02
N GLY A 54 -13.60 5.30 -3.38
CA GLY A 54 -14.64 6.33 -3.53
C GLY A 54 -14.69 7.06 -4.86
N GLY A 55 -13.74 6.82 -5.78
CA GLY A 55 -13.83 7.31 -7.14
C GLY A 55 -12.93 8.47 -7.47
N GLY A 56 -12.30 9.09 -6.49
CA GLY A 56 -11.31 10.11 -6.80
C GLY A 56 -10.02 9.47 -7.29
N THR A 57 -9.09 10.32 -7.75
CA THR A 57 -7.81 9.86 -8.30
C THR A 57 -6.66 10.69 -7.75
N ASN A 58 -5.47 10.08 -7.71
CA ASN A 58 -4.23 10.78 -7.46
C ASN A 58 -3.24 10.35 -8.53
N TYR A 59 -2.44 11.31 -9.00
CA TYR A 59 -1.62 11.10 -10.18
C TYR A 59 -0.17 11.41 -9.85
N ASN A 60 0.75 10.69 -10.52
CA ASN A 60 2.16 11.08 -10.54
C ASN A 60 2.30 12.48 -11.13
N SER A 61 3.04 13.36 -10.42
CA SER A 61 3.16 14.76 -10.81
C SER A 61 3.66 14.96 -12.24
N GLY A 62 4.51 14.07 -12.74
CA GLY A 62 5.05 14.25 -14.06
C GLY A 62 4.11 13.91 -15.20
N PHE A 63 3.01 13.19 -14.91
CA PHE A 63 2.04 12.78 -15.92
C PHE A 63 0.68 13.43 -15.74
N MET A 64 0.43 14.13 -14.62
CA MET A 64 -0.93 14.48 -14.22
C MET A 64 -1.74 15.09 -15.36
N SER A 65 -1.20 16.13 -16.01
CA SER A 65 -2.04 16.87 -16.95
C SER A 65 -2.44 16.07 -18.18
N ARG A 66 -1.72 15.00 -18.53
CA ARG A 66 -2.10 14.22 -19.71
C ARG A 66 -2.79 12.89 -19.39
N LEU A 67 -3.20 12.66 -18.15
CA LEU A 67 -3.76 11.39 -17.72
C LEU A 67 -5.23 11.55 -17.31
N SER A 68 -6.02 10.51 -17.56
CA SER A 68 -7.37 10.41 -17.02
C SER A 68 -7.58 8.96 -16.63
N ILE A 69 -7.85 8.72 -15.35
CA ILE A 69 -8.18 7.39 -14.83
C ILE A 69 -9.61 7.42 -14.32
N THR A 70 -10.41 6.46 -14.77
CA THR A 70 -11.82 6.37 -14.42
C THR A 70 -12.16 4.90 -14.21
N LYS A 71 -13.39 4.64 -13.74
CA LYS A 71 -13.78 3.26 -13.54
C LYS A 71 -15.29 3.11 -13.57
N ASP A 72 -15.69 1.86 -13.75
CA ASP A 72 -17.08 1.43 -13.81
C ASP A 72 -17.22 0.32 -12.77
N ASN A 73 -17.78 0.65 -11.61
CA ASN A 73 -17.83 -0.30 -10.49
C ASN A 73 -18.68 -1.51 -10.86
N SER A 74 -19.67 -1.32 -11.72
CA SER A 74 -20.61 -2.39 -12.06
C SER A 74 -20.03 -3.34 -13.09
N LYS A 75 -19.16 -2.87 -13.98
CA LYS A 75 -18.50 -3.73 -14.95
C LYS A 75 -17.16 -4.29 -14.45
N SER A 76 -16.73 -3.89 -13.25
CA SER A 76 -15.43 -4.28 -12.68
C SER A 76 -14.29 -3.90 -13.63
N GLN A 77 -14.35 -2.70 -14.20
CA GLN A 77 -13.35 -2.25 -15.14
C GLN A 77 -12.77 -0.91 -14.72
N VAL A 78 -11.45 -0.75 -14.89
CA VAL A 78 -10.76 0.52 -14.69
C VAL A 78 -10.12 0.91 -16.02
N PHE A 79 -10.15 2.21 -16.33
CA PHE A 79 -9.73 2.73 -17.62
C PHE A 79 -8.60 3.75 -17.42
N LEU A 80 -7.48 3.53 -18.11
CA LEU A 80 -6.40 4.50 -18.18
C LEU A 80 -6.40 5.13 -19.55
N LYS A 81 -6.42 6.47 -19.62
CA LYS A 81 -6.28 7.17 -20.89
C LYS A 81 -5.12 8.13 -20.77
N MET A 82 -4.21 8.13 -21.76
CA MET A 82 -3.04 8.99 -21.74
C MET A 82 -2.92 9.70 -23.08
N ASN A 83 -2.80 11.03 -23.03
CA ASN A 83 -2.75 11.88 -24.20
C ASN A 83 -1.31 12.38 -24.44
N SER A 84 -1.13 13.15 -25.53
CA SER A 84 0.16 13.77 -25.85
C SER A 84 1.29 12.74 -25.82
N LEU A 85 1.12 11.66 -26.57
CA LEU A 85 2.04 10.55 -26.45
C LEU A 85 3.42 10.93 -26.96
N GLN A 86 4.43 10.29 -26.37
CA GLN A 86 5.80 10.38 -26.82
C GLN A 86 6.31 8.97 -27.08
N THR A 87 7.36 8.86 -27.91
CA THR A 87 8.02 7.57 -28.05
C THR A 87 8.49 7.06 -26.69
N ASP A 88 8.81 7.95 -25.76
CA ASP A 88 9.16 7.57 -24.39
C ASP A 88 8.07 6.77 -23.68
N ASP A 89 6.85 6.75 -24.22
CA ASP A 89 5.72 6.10 -23.55
C ASP A 89 5.56 4.62 -23.91
N THR A 90 6.44 4.09 -24.77
CA THR A 90 6.47 2.65 -25.00
C THR A 90 6.87 1.94 -23.71
N ALA A 91 6.01 1.04 -23.22
CA ALA A 91 6.20 0.43 -21.90
C ALA A 91 5.23 -0.72 -21.76
N ILE A 92 5.50 -1.57 -20.77
CA ILE A 92 4.49 -2.52 -20.27
C ILE A 92 3.67 -1.79 -19.21
N TYR A 93 2.35 -1.81 -19.34
CA TYR A 93 1.43 -1.17 -18.39
C TYR A 93 0.73 -2.24 -17.53
N TYR A 94 0.75 -2.05 -16.20
CA TYR A 94 0.16 -2.99 -15.24
C TYR A 94 -0.88 -2.27 -14.39
N CYS A 95 -1.96 -2.97 -14.04
CA CYS A 95 -2.86 -2.51 -12.99
C CYS A 95 -2.68 -3.40 -11.77
N VAL A 96 -2.91 -2.82 -10.58
CA VAL A 96 -2.52 -3.42 -9.30
C VAL A 96 -3.64 -3.19 -8.30
N ARG A 97 -4.14 -4.26 -7.67
CA ARG A 97 -5.05 -4.12 -6.53
C ARG A 97 -4.24 -3.71 -5.32
N GLN A 98 -4.54 -2.53 -4.77
CA GLN A 98 -3.68 -1.92 -3.76
C GLN A 98 -4.28 -2.07 -2.36
N GLY A 99 -4.40 -3.32 -1.93
CA GLY A 99 -4.67 -3.63 -0.53
C GLY A 99 -3.39 -3.78 0.28
N ARG A 100 -3.54 -4.36 1.48
CA ARG A 100 -2.39 -4.65 2.32
C ARG A 100 -1.39 -5.57 1.62
N THR A 101 -1.90 -6.55 0.86
CA THR A 101 -1.08 -7.44 0.04
C THR A 101 -1.37 -7.13 -1.43
N PRO A 102 -0.51 -6.38 -2.13
CA PRO A 102 -0.80 -6.00 -3.51
C PRO A 102 -0.90 -7.20 -4.44
N TYR A 103 -1.80 -7.11 -5.41
CA TYR A 103 -2.01 -8.15 -6.40
C TYR A 103 -1.90 -7.54 -7.80
N TRP A 104 -1.04 -8.11 -8.65
CA TRP A 104 -0.68 -7.50 -9.91
C TRP A 104 -1.35 -8.20 -11.08
N GLY A 105 -1.72 -7.43 -12.11
CA GLY A 105 -2.10 -7.99 -13.39
C GLY A 105 -0.88 -8.54 -14.13
N GLN A 106 -1.14 -9.04 -15.35
CA GLN A 106 -0.11 -9.62 -16.20
C GLN A 106 0.76 -8.58 -16.89
N GLY A 107 0.19 -7.43 -17.23
CA GLY A 107 0.93 -6.35 -17.86
C GLY A 107 0.86 -6.38 -19.39
N THR A 108 0.39 -5.32 -20.04
CA THR A 108 0.26 -5.32 -21.50
C THR A 108 1.27 -4.35 -22.12
N LEU A 109 1.95 -4.81 -23.18
CA LEU A 109 2.95 -3.97 -23.84
C LEU A 109 2.27 -3.04 -24.84
N VAL A 110 2.54 -1.74 -24.73
CA VAL A 110 2.06 -0.75 -25.68
C VAL A 110 3.28 -0.10 -26.31
N THR A 111 3.38 -0.20 -27.63
CA THR A 111 4.47 0.40 -28.39
C THR A 111 3.98 1.65 -29.10
N VAL A 112 4.68 2.77 -28.89
CA VAL A 112 4.39 4.01 -29.57
C VAL A 112 5.37 4.14 -30.72
N SER A 113 4.84 4.37 -31.93
CA SER A 113 5.68 4.62 -33.10
C SER A 113 6.57 5.86 -32.94
N ASP A 135 7.21 15.00 -1.66
CA ASP A 135 7.19 13.57 -2.00
C ASP A 135 8.20 12.77 -1.17
N ILE A 136 7.80 11.57 -0.76
CA ILE A 136 8.70 10.66 -0.06
C ILE A 136 9.61 10.03 -1.09
N GLN A 137 10.91 10.29 -0.96
CA GLN A 137 11.88 9.66 -1.85
C GLN A 137 12.38 8.38 -1.21
N VAL A 138 12.75 7.43 -2.05
CA VAL A 138 13.06 6.08 -1.59
C VAL A 138 14.33 5.61 -2.29
N THR A 139 15.41 5.41 -1.54
CA THR A 139 16.71 5.05 -2.10
C THR A 139 17.05 3.61 -1.80
N GLN A 140 17.22 2.82 -2.87
CA GLN A 140 17.49 1.39 -2.80
C GLN A 140 18.99 1.15 -3.02
N SER A 141 19.57 0.33 -2.11
CA SER A 141 20.94 -0.13 -1.81
C SER A 141 21.82 -0.48 -3.02
N PRO A 142 22.56 -1.61 -3.14
CA PRO A 142 23.28 -1.79 -4.40
C PRO A 142 22.35 -1.66 -5.59
N SER A 143 22.75 -0.81 -6.52
CA SER A 143 22.18 -0.84 -7.86
C SER A 143 22.34 -2.22 -8.49
N SER A 144 23.41 -2.93 -8.15
CA SER A 144 23.67 -4.25 -8.69
C SER A 144 24.53 -5.05 -7.71
N LEU A 145 24.25 -6.36 -7.62
CA LEU A 145 25.00 -7.31 -6.79
C LEU A 145 25.46 -8.48 -7.66
N SER A 146 26.71 -8.92 -7.47
CA SER A 146 27.28 -9.96 -8.32
C SER A 146 27.86 -11.10 -7.49
N VAL A 147 27.03 -12.07 -7.10
CA VAL A 147 27.39 -12.91 -5.96
C VAL A 147 27.94 -14.26 -6.39
N SER A 148 28.21 -15.11 -5.40
CA SER A 148 28.51 -16.52 -5.58
C SER A 148 27.28 -17.33 -5.19
N LEU A 149 27.12 -18.50 -5.82
CA LEU A 149 26.09 -19.43 -5.39
C LEU A 149 26.25 -19.71 -3.90
N GLY A 150 25.13 -19.89 -3.21
CA GLY A 150 25.18 -19.76 -1.76
C GLY A 150 25.25 -18.27 -1.47
N ASP A 151 25.96 -17.87 -0.43
CA ASP A 151 26.04 -16.47 -0.01
C ASP A 151 24.73 -15.91 0.50
N ARG A 152 24.87 -14.91 1.37
CA ARG A 152 23.79 -14.18 2.01
C ARG A 152 23.97 -12.71 1.68
N VAL A 153 22.92 -12.07 1.14
CA VAL A 153 23.02 -10.68 0.73
C VAL A 153 21.89 -9.87 1.34
N THR A 154 22.15 -8.58 1.53
CA THR A 154 21.19 -7.62 2.05
C THR A 154 20.98 -6.51 1.04
N ILE A 155 19.71 -6.16 0.83
CA ILE A 155 19.31 -5.02 0.02
C ILE A 155 18.57 -4.06 0.94
N THR A 156 18.96 -2.79 0.92
CA THR A 156 18.31 -1.81 1.79
C THR A 156 17.48 -0.81 0.98
N CYS A 157 16.44 -0.30 1.62
CA CYS A 157 15.52 0.67 1.03
C CYS A 157 15.28 1.70 2.13
N LYS A 158 15.72 2.93 1.91
CA LYS A 158 15.61 3.97 2.93
C LYS A 158 14.78 5.14 2.43
N ALA A 159 13.82 5.58 3.25
CA ALA A 159 12.82 6.58 2.88
C ALA A 159 13.14 7.93 3.51
N SER A 160 12.65 8.99 2.85
CA SER A 160 12.87 10.35 3.35
C SER A 160 12.25 10.56 4.73
N LYS A 161 11.15 9.90 5.02
CA LYS A 161 10.46 10.07 6.28
C LYS A 161 9.81 8.75 6.68
N ASP A 162 9.26 8.74 7.90
CA ASP A 162 8.58 7.55 8.41
C ASP A 162 7.49 7.10 7.45
N ILE A 163 7.47 5.80 7.16
CA ILE A 163 6.43 5.23 6.30
C ILE A 163 5.66 4.11 6.99
N TYR A 164 5.92 3.86 8.27
CA TYR A 164 5.04 3.04 9.12
C TYR A 164 4.79 1.65 8.54
N ASN A 165 5.86 1.03 8.04
CA ASN A 165 5.88 -0.33 7.51
C ASN A 165 5.11 -0.48 6.20
N ARG A 166 4.80 0.63 5.50
CA ARG A 166 4.09 0.56 4.21
C ARG A 166 5.13 0.34 3.10
N LEU A 167 5.61 -0.89 3.02
CA LEU A 167 6.75 -1.18 2.15
C LEU A 167 6.63 -2.61 1.66
N ALA A 168 6.74 -2.79 0.35
CA ALA A 168 6.69 -4.10 -0.28
C ALA A 168 7.98 -4.35 -1.05
N TRP A 169 8.39 -5.61 -1.11
CA TRP A 169 9.51 -6.07 -1.92
C TRP A 169 9.04 -6.99 -3.03
N TYR A 170 9.63 -6.81 -4.22
CA TYR A 170 9.24 -7.51 -5.44
C TYR A 170 10.43 -8.13 -6.13
N GLN A 171 10.18 -9.25 -6.82
CA GLN A 171 11.18 -9.95 -7.62
C GLN A 171 10.71 -9.96 -9.07
N GLN A 172 11.58 -9.56 -10.00
CA GLN A 172 11.21 -9.58 -11.42
C GLN A 172 12.29 -10.26 -12.24
N LYS A 173 11.89 -11.25 -12.97
CA LYS A 173 12.67 -12.03 -13.91
C LYS A 173 12.31 -11.64 -15.34
N PRO A 174 13.31 -11.61 -16.21
CA PRO A 174 13.10 -11.17 -17.60
C PRO A 174 11.86 -11.78 -18.22
N GLY A 175 11.06 -10.93 -18.84
CA GLY A 175 9.87 -11.38 -19.54
C GLY A 175 8.72 -11.81 -18.66
N ASN A 176 8.71 -11.41 -17.39
CA ASN A 176 7.61 -11.73 -16.49
C ASN A 176 7.23 -10.50 -15.67
N ALA A 177 6.01 -10.52 -15.15
CA ALA A 177 5.57 -9.48 -14.24
C ALA A 177 6.30 -9.61 -12.91
N PRO A 178 6.40 -8.52 -12.15
CA PRO A 178 7.00 -8.62 -10.82
C PRO A 178 6.19 -9.54 -9.93
N ARG A 179 6.91 -10.25 -9.05
CA ARG A 179 6.31 -11.13 -8.06
C ARG A 179 6.49 -10.52 -6.66
N LEU A 180 5.40 -10.47 -5.89
CA LEU A 180 5.46 -9.96 -4.52
C LEU A 180 6.14 -10.97 -3.63
N LEU A 181 7.19 -10.52 -2.92
CA LEU A 181 7.88 -11.35 -1.94
C LEU A 181 7.41 -11.05 -0.52
N ILE A 182 7.31 -9.77 -0.17
CA ILE A 182 7.11 -9.29 1.20
C ILE A 182 6.18 -8.10 1.16
N SER A 183 5.18 -8.07 2.05
CA SER A 183 4.37 -6.87 2.21
C SER A 183 4.32 -6.46 3.67
N GLY A 184 3.86 -5.23 3.91
CA GLY A 184 3.87 -4.67 5.25
C GLY A 184 5.25 -4.65 5.90
N ALA A 185 6.31 -4.50 5.08
CA ALA A 185 7.70 -4.42 5.53
C ALA A 185 8.28 -5.77 5.98
N THR A 186 7.49 -6.63 6.63
CA THR A 186 8.05 -7.82 7.25
C THR A 186 7.26 -9.10 7.01
N SER A 187 6.16 -9.08 6.25
CA SER A 187 5.26 -10.22 6.16
C SER A 187 5.60 -11.04 4.92
N LEU A 188 6.17 -12.22 5.14
CA LEU A 188 6.46 -13.13 4.04
C LEU A 188 5.17 -13.55 3.33
N GLU A 189 5.14 -13.43 2.00
CA GLU A 189 3.92 -13.76 1.27
C GLU A 189 3.79 -15.26 1.05
N THR A 190 2.55 -15.68 0.81
CA THR A 190 2.22 -17.08 0.62
C THR A 190 2.95 -17.62 -0.60
N GLY A 191 3.64 -18.75 -0.43
CA GLY A 191 4.32 -19.40 -1.52
C GLY A 191 5.72 -18.91 -1.82
N VAL A 192 6.24 -17.96 -1.04
CA VAL A 192 7.57 -17.39 -1.26
C VAL A 192 8.55 -18.09 -0.34
N PRO A 193 9.71 -18.54 -0.84
CA PRO A 193 10.64 -19.32 0.00
C PRO A 193 11.04 -18.60 1.28
N SER A 194 11.26 -19.36 2.35
CA SER A 194 11.61 -18.69 3.58
C SER A 194 13.04 -18.15 3.57
N ARG A 195 13.79 -18.36 2.49
CA ARG A 195 15.10 -17.73 2.35
C ARG A 195 15.01 -16.22 2.20
N PHE A 196 13.82 -15.69 1.91
CA PHE A 196 13.58 -14.26 1.80
C PHE A 196 12.99 -13.75 3.10
N SER A 197 13.56 -12.67 3.63
CA SER A 197 13.08 -12.10 4.88
C SER A 197 13.14 -10.59 4.82
N GLY A 198 12.11 -9.94 5.35
CA GLY A 198 12.05 -8.49 5.42
C GLY A 198 12.14 -8.01 6.86
N SER A 199 12.84 -6.90 7.08
CA SER A 199 12.94 -6.31 8.40
C SER A 199 13.07 -4.80 8.27
N GLY A 200 13.07 -4.12 9.41
CA GLY A 200 13.23 -2.69 9.45
C GLY A 200 12.04 -2.01 10.10
N SER A 201 12.22 -0.71 10.33
CA SER A 201 11.14 0.11 10.87
C SER A 201 11.43 1.57 10.58
N GLY A 202 10.41 2.40 10.78
CA GLY A 202 10.52 3.81 10.52
C GLY A 202 10.85 4.14 9.08
N LYS A 203 12.13 4.42 8.82
CA LYS A 203 12.60 4.90 7.53
C LYS A 203 13.54 3.94 6.80
N ASP A 204 14.11 2.93 7.46
CA ASP A 204 15.10 2.03 6.85
C ASP A 204 14.64 0.59 6.93
N TYR A 205 14.63 -0.08 5.78
CA TYR A 205 14.07 -1.41 5.59
C TYR A 205 15.06 -2.25 4.80
N THR A 206 15.06 -3.56 5.04
CA THR A 206 16.05 -4.44 4.42
C THR A 206 15.38 -5.71 3.93
N LEU A 207 15.83 -6.17 2.76
CA LEU A 207 15.51 -7.50 2.24
C LEU A 207 16.77 -8.36 2.38
N THR A 208 16.62 -9.52 3.00
CA THR A 208 17.72 -10.47 3.17
C THR A 208 17.40 -11.74 2.40
N ILE A 209 18.35 -12.20 1.57
CA ILE A 209 18.28 -13.51 0.94
C ILE A 209 19.43 -14.35 1.45
N THR A 210 19.11 -15.43 2.15
CA THR A 210 20.10 -16.36 2.68
C THR A 210 20.29 -17.54 1.73
N SER A 211 21.52 -18.09 1.71
CA SER A 211 21.92 -19.17 0.82
C SER A 211 21.22 -19.07 -0.53
N LEU A 212 21.56 -18.05 -1.31
CA LEU A 212 20.80 -17.78 -2.52
C LEU A 212 21.12 -18.82 -3.57
N GLN A 213 20.23 -18.91 -4.56
CA GLN A 213 20.18 -20.04 -5.47
C GLN A 213 20.07 -19.53 -6.90
N THR A 214 20.30 -20.43 -7.86
CA THR A 214 20.22 -20.03 -9.27
C THR A 214 18.87 -19.39 -9.62
N GLU A 215 17.78 -19.84 -8.96
CA GLU A 215 16.42 -19.28 -9.11
C GLU A 215 16.29 -17.85 -8.59
N ASP A 216 17.31 -17.30 -7.96
CA ASP A 216 17.22 -15.98 -7.35
C ASP A 216 17.84 -14.90 -8.23
N VAL A 217 18.46 -15.25 -9.36
CA VAL A 217 18.90 -14.27 -10.35
C VAL A 217 17.72 -13.48 -10.89
N ALA A 218 17.69 -12.18 -10.60
CA ALA A 218 16.51 -11.36 -10.83
C ALA A 218 16.87 -9.90 -10.54
N THR A 219 15.96 -8.99 -10.91
CA THR A 219 16.05 -7.63 -10.41
C THR A 219 15.03 -7.46 -9.28
N TYR A 220 15.44 -6.83 -8.18
CA TYR A 220 14.60 -6.68 -6.99
C TYR A 220 14.24 -5.21 -6.80
N TYR A 221 13.00 -4.95 -6.37
CA TYR A 221 12.52 -3.59 -6.14
C TYR A 221 11.78 -3.46 -4.81
N CYS A 222 11.96 -2.32 -4.13
CA CYS A 222 11.05 -1.95 -3.05
C CYS A 222 10.06 -0.90 -3.55
N GLN A 223 8.93 -0.80 -2.84
CA GLN A 223 7.90 0.20 -3.15
C GLN A 223 7.29 0.66 -1.83
N GLN A 224 7.12 1.96 -1.66
CA GLN A 224 6.45 2.50 -0.47
C GLN A 224 5.03 2.92 -0.82
N PHE A 225 4.13 2.80 0.14
CA PHE A 225 2.75 3.23 -0.13
C PHE A 225 2.15 3.93 1.08
N TRP A 226 2.96 4.72 1.79
CA TRP A 226 2.46 5.65 2.81
C TRP A 226 2.18 7.00 2.15
N GLY A 227 0.94 7.22 1.74
CA GLY A 227 0.73 8.44 0.98
C GLY A 227 1.28 8.38 -0.44
N THR A 228 0.68 9.13 -1.32
CA THR A 228 1.05 9.17 -2.71
C THR A 228 2.11 10.24 -2.95
N PRO A 229 2.99 10.08 -3.93
CA PRO A 229 3.09 8.97 -4.89
C PRO A 229 3.65 7.70 -4.26
N TYR A 230 3.20 6.54 -4.75
CA TYR A 230 3.63 5.23 -4.27
C TYR A 230 4.95 4.83 -4.98
N THR A 231 6.04 5.45 -4.52
CA THR A 231 7.30 5.45 -5.24
C THR A 231 8.06 4.12 -5.13
N PHE A 232 8.71 3.73 -6.24
CA PHE A 232 9.55 2.54 -6.33
C PHE A 232 11.01 2.90 -6.08
N GLY A 233 11.75 2.00 -5.43
CA GLY A 233 13.20 2.09 -5.43
C GLY A 233 13.78 1.81 -6.82
N GLY A 234 15.07 2.13 -6.98
CA GLY A 234 15.70 2.06 -8.30
C GLY A 234 15.97 0.65 -8.82
N GLY A 235 15.81 -0.36 -7.98
CA GLY A 235 16.09 -1.69 -8.46
C GLY A 235 17.49 -2.16 -8.08
N THR A 236 17.60 -3.46 -7.82
CA THR A 236 18.87 -4.13 -7.59
C THR A 236 18.93 -5.33 -8.51
N LYS A 237 19.89 -5.33 -9.43
CA LYS A 237 20.04 -6.43 -10.37
C LYS A 237 21.07 -7.41 -9.78
N LEU A 238 20.63 -8.60 -9.42
CA LEU A 238 21.47 -9.63 -8.78
C LEU A 238 21.88 -10.70 -9.80
N GLU A 239 23.18 -11.04 -9.82
CA GLU A 239 23.73 -11.99 -10.80
C GLU A 239 24.83 -12.82 -10.15
N ILE A 240 24.97 -14.06 -10.59
CA ILE A 240 26.02 -14.96 -10.10
C ILE A 240 27.29 -14.72 -10.89
N LYS A 241 28.37 -14.36 -10.21
CA LYS A 241 29.43 -13.77 -10.98
C LYS A 241 30.76 -14.48 -10.70
N SER B 8 -8.65 -4.16 38.69
CA SER B 8 -9.57 -4.21 37.56
C SER B 8 -11.02 -4.17 38.03
N SER B 9 -11.84 -3.32 37.43
CA SER B 9 -13.27 -3.45 37.68
C SER B 9 -14.11 -2.74 36.65
N THR B 10 -15.40 -3.05 36.73
CA THR B 10 -16.36 -2.83 35.66
C THR B 10 -16.76 -1.37 35.51
N LYS B 11 -16.68 -0.59 36.59
CA LYS B 11 -17.02 0.82 36.47
C LYS B 11 -15.96 1.56 35.66
N LYS B 12 -14.69 1.41 36.04
CA LYS B 12 -13.62 2.08 35.33
C LYS B 12 -13.53 1.60 33.88
N THR B 13 -13.63 0.29 33.65
CA THR B 13 -13.62 -0.23 32.29
C THR B 13 -14.73 0.41 31.46
N GLN B 14 -15.94 0.48 32.01
CA GLN B 14 -17.04 1.08 31.26
C GLN B 14 -16.77 2.55 31.00
N LEU B 15 -16.27 3.29 31.99
CA LEU B 15 -16.00 4.71 31.79
C LEU B 15 -14.92 4.92 30.74
N GLN B 16 -13.90 4.06 30.74
CA GLN B 16 -12.79 4.20 29.80
C GLN B 16 -13.28 4.02 28.36
N LEU B 17 -14.16 3.04 28.11
CA LEU B 17 -14.67 2.81 26.76
C LEU B 17 -15.50 3.98 26.26
N GLU B 18 -16.34 4.56 27.12
CA GLU B 18 -17.10 5.72 26.70
C GLU B 18 -16.20 6.90 26.38
N HIS B 19 -15.08 7.03 27.10
CA HIS B 19 -14.19 8.15 26.81
C HIS B 19 -13.44 7.89 25.51
N LEU B 20 -13.05 6.63 25.26
CA LEU B 20 -12.45 6.28 23.98
C LEU B 20 -13.40 6.62 22.83
N LEU B 21 -14.62 6.08 22.89
CA LEU B 21 -15.64 6.37 21.89
C LEU B 21 -15.75 7.85 21.61
N LEU B 22 -15.81 8.65 22.67
CA LEU B 22 -15.98 10.09 22.50
C LEU B 22 -14.76 10.72 21.84
N ASP B 23 -13.55 10.20 22.08
CA ASP B 23 -12.36 10.82 21.51
C ASP B 23 -12.32 10.59 20.01
N LEU B 24 -12.76 9.41 19.58
CA LEU B 24 -12.81 9.06 18.17
C LEU B 24 -13.82 9.92 17.43
N GLN B 25 -14.97 10.17 18.07
CA GLN B 25 -16.01 11.01 17.48
C GLN B 25 -15.54 12.45 17.38
N MET B 26 -14.78 12.90 18.38
CA MET B 26 -14.18 14.21 18.38
C MET B 26 -13.26 14.39 17.17
N ILE B 27 -12.39 13.41 16.92
CA ILE B 27 -11.53 13.46 15.74
C ILE B 27 -12.37 13.52 14.46
N LEU B 28 -13.34 12.60 14.34
CA LEU B 28 -14.17 12.57 13.15
C LEU B 28 -14.83 13.92 12.91
N ASN B 29 -15.48 14.45 13.95
CA ASN B 29 -16.18 15.74 13.82
C ASN B 29 -15.22 16.86 13.44
N GLY B 30 -13.99 16.82 13.95
CA GLY B 30 -13.03 17.84 13.60
C GLY B 30 -12.72 17.87 12.11
N ILE B 31 -12.68 16.70 11.48
CA ILE B 31 -12.44 16.61 10.04
C ILE B 31 -13.75 16.49 9.26
N ASN B 32 -14.83 15.96 9.84
CA ASN B 32 -16.16 15.95 9.17
C ASN B 32 -16.76 17.35 9.33
N ASN B 33 -16.01 18.38 8.93
CA ASN B 33 -16.47 19.78 9.07
C ASN B 33 -16.64 20.40 7.68
N LYS B 38 -7.66 20.86 3.20
CA LYS B 38 -6.70 19.75 3.24
C LYS B 38 -7.37 18.40 3.42
N LEU B 39 -8.71 18.35 3.43
CA LEU B 39 -9.41 17.09 3.65
C LEU B 39 -9.05 16.06 2.60
N THR B 40 -8.99 16.47 1.33
CA THR B 40 -8.71 15.50 0.27
C THR B 40 -7.31 14.90 0.42
N ARG B 41 -6.35 15.73 0.81
CA ARG B 41 -5.00 15.24 1.06
C ARG B 41 -4.97 14.26 2.23
N MET B 42 -5.73 14.54 3.29
CA MET B 42 -5.79 13.61 4.40
C MET B 42 -6.39 12.27 3.99
N LEU B 43 -7.27 12.28 2.98
CA LEU B 43 -7.86 11.04 2.50
C LEU B 43 -6.91 10.24 1.60
N THR B 44 -5.75 10.80 1.26
CA THR B 44 -4.73 10.07 0.53
C THR B 44 -4.27 8.83 1.30
N PHE B 45 -4.21 8.92 2.62
CA PHE B 45 -3.57 7.89 3.42
C PHE B 45 -4.52 6.75 3.75
N LYS B 46 -4.02 5.51 3.66
CA LYS B 46 -4.84 4.35 3.97
C LYS B 46 -4.38 3.68 5.25
N PHE B 47 -5.34 3.25 6.05
CA PHE B 47 -5.09 2.69 7.37
C PHE B 47 -5.35 1.20 7.32
N TYR B 48 -4.59 0.44 8.10
CA TYR B 48 -4.85 -0.99 8.20
C TYR B 48 -6.04 -1.25 9.13
N MET B 49 -6.77 -2.29 8.81
CA MET B 49 -8.04 -2.51 9.48
C MET B 49 -8.07 -3.89 10.15
N PRO B 50 -8.79 -4.03 11.26
CA PRO B 50 -8.84 -5.34 11.92
C PRO B 50 -9.61 -6.34 11.08
N LYS B 51 -9.04 -7.53 10.93
CA LYS B 51 -9.79 -8.65 10.37
C LYS B 51 -10.93 -9.04 11.31
N LYS B 52 -10.65 -9.13 12.61
CA LYS B 52 -11.66 -9.34 13.63
C LYS B 52 -11.52 -8.32 14.75
N ALA B 53 -12.64 -7.74 15.18
CA ALA B 53 -12.64 -6.81 16.31
C ALA B 53 -13.93 -7.02 17.09
N THR B 54 -13.90 -7.98 18.02
CA THR B 54 -15.06 -8.26 18.86
C THR B 54 -14.81 -8.06 20.35
N GLU B 55 -13.58 -8.17 20.81
CA GLU B 55 -13.33 -8.10 22.24
C GLU B 55 -12.11 -7.23 22.50
N LEU B 56 -11.86 -6.96 23.78
CA LEU B 56 -10.93 -5.88 24.15
C LEU B 56 -9.53 -6.11 23.60
N LYS B 57 -9.05 -7.36 23.60
CA LYS B 57 -7.66 -7.59 23.18
C LYS B 57 -7.42 -7.16 21.75
N HIS B 58 -8.48 -7.10 20.93
CA HIS B 58 -8.38 -6.69 19.54
C HIS B 58 -8.05 -5.21 19.39
N LEU B 59 -8.06 -4.44 20.49
CA LEU B 59 -7.58 -3.08 20.44
C LEU B 59 -6.09 -2.98 20.10
N GLN B 60 -5.37 -4.11 20.10
CA GLN B 60 -3.99 -4.04 19.64
C GLN B 60 -3.92 -3.57 18.19
N CYS B 61 -4.95 -3.87 17.39
CA CYS B 61 -5.04 -3.37 16.02
C CYS B 61 -5.21 -1.84 15.98
N LEU B 62 -5.88 -1.27 16.98
CA LEU B 62 -5.98 0.18 17.07
C LEU B 62 -4.65 0.79 17.47
N GLU B 63 -4.05 0.27 18.56
CA GLU B 63 -2.80 0.81 19.07
C GLU B 63 -1.73 0.91 17.97
N GLU B 64 -1.56 -0.15 17.18
CA GLU B 64 -0.49 -0.12 16.19
C GLU B 64 -0.70 0.97 15.14
N GLU B 65 -1.93 1.39 14.91
CA GLU B 65 -2.20 2.41 13.90
C GLU B 65 -2.23 3.84 14.46
N LEU B 66 -1.92 4.06 15.76
CA LEU B 66 -2.05 5.41 16.33
C LEU B 66 -0.93 6.35 15.87
N LYS B 67 0.29 5.85 15.68
CA LYS B 67 1.34 6.70 15.13
C LYS B 67 1.04 7.20 13.71
N PRO B 68 0.60 6.36 12.75
CA PRO B 68 0.16 6.93 11.47
C PRO B 68 -1.05 7.87 11.59
N LEU B 69 -2.01 7.58 12.48
CA LEU B 69 -3.15 8.49 12.68
C LEU B 69 -2.67 9.89 13.07
N GLU B 70 -1.76 9.96 14.05
CA GLU B 70 -1.25 11.25 14.48
C GLU B 70 -0.51 11.96 13.36
N GLU B 71 0.23 11.22 12.54
CA GLU B 71 0.91 11.82 11.40
C GLU B 71 -0.10 12.47 10.46
N VAL B 72 -1.20 11.78 10.16
CA VAL B 72 -2.17 12.35 9.23
C VAL B 72 -2.82 13.58 9.84
N LEU B 73 -3.19 13.50 11.11
CA LEU B 73 -3.88 14.62 11.75
C LEU B 73 -3.01 15.87 11.79
N ASN B 74 -1.69 15.70 11.88
CA ASN B 74 -0.72 16.79 11.93
C ASN B 74 -0.57 17.51 10.60
N LEU B 75 -1.39 17.19 9.60
CA LEU B 75 -1.44 17.92 8.34
C LEU B 75 -2.51 19.02 8.37
N ALA B 76 -2.89 19.50 9.55
CA ALA B 76 -3.86 20.58 9.67
C ALA B 76 -3.17 21.87 10.14
N ARG B 84 -5.94 19.82 18.80
CA ARG B 84 -4.61 19.56 19.33
C ARG B 84 -4.25 18.08 19.22
N PRO B 85 -3.66 17.70 18.07
CA PRO B 85 -3.47 16.28 17.73
C PRO B 85 -2.74 15.41 18.77
N ARG B 86 -1.49 15.78 19.09
CA ARG B 86 -0.69 14.99 20.04
C ARG B 86 -1.45 14.71 21.33
N ASP B 87 -2.18 15.71 21.83
CA ASP B 87 -2.83 15.55 23.13
C ASP B 87 -4.01 14.60 23.05
N LEU B 88 -4.73 14.63 21.93
CA LEU B 88 -5.84 13.70 21.78
C LEU B 88 -5.34 12.29 21.50
N ILE B 89 -4.25 12.16 20.74
CA ILE B 89 -3.76 10.83 20.39
C ILE B 89 -3.14 10.15 21.59
N SER B 90 -2.42 10.91 22.43
CA SER B 90 -1.81 10.32 23.62
C SER B 90 -2.86 9.93 24.66
N ASN B 91 -3.94 10.71 24.76
CA ASN B 91 -5.08 10.29 25.59
C ASN B 91 -5.62 8.95 25.10
N ILE B 92 -5.87 8.82 23.78
CA ILE B 92 -6.36 7.56 23.23
C ILE B 92 -5.37 6.42 23.50
N ASN B 93 -4.08 6.68 23.36
CA ASN B 93 -3.06 5.65 23.59
C ASN B 93 -3.11 5.14 25.02
N VAL B 94 -3.19 6.06 25.99
CA VAL B 94 -3.25 5.63 27.39
C VAL B 94 -4.48 4.77 27.64
N ILE B 95 -5.62 5.15 27.06
CA ILE B 95 -6.86 4.38 27.25
C ILE B 95 -6.78 3.00 26.59
N VAL B 96 -6.32 2.95 25.34
CA VAL B 96 -6.23 1.67 24.63
C VAL B 96 -5.34 0.69 25.38
N LEU B 97 -4.25 1.18 25.98
CA LEU B 97 -3.38 0.27 26.70
C LEU B 97 -4.04 -0.32 27.94
N GLU B 98 -4.78 0.50 28.71
CA GLU B 98 -5.48 -0.05 29.87
C GLU B 98 -6.51 -1.09 29.46
N LEU B 99 -7.33 -0.76 28.47
CA LEU B 99 -8.44 -1.63 28.09
C LEU B 99 -7.93 -2.95 27.51
N LYS B 100 -6.91 -2.91 26.66
CA LYS B 100 -6.44 -4.17 26.09
C LYS B 100 -5.69 -5.00 27.12
N GLY B 101 -5.22 -4.37 28.20
CA GLY B 101 -4.68 -5.12 29.32
C GLY B 101 -3.29 -5.67 29.06
N SER B 102 -2.99 -6.80 29.69
CA SER B 102 -1.71 -7.48 29.50
C SER B 102 -1.87 -8.99 29.68
N PHE B 106 -1.54 -10.95 22.21
CA PHE B 106 -2.29 -11.03 20.93
C PHE B 106 -1.51 -10.31 19.84
N MET B 107 -1.46 -11.09 18.77
CA MET B 107 -0.88 -10.44 17.57
C MET B 107 -2.03 -10.03 16.66
N CYS B 108 -2.12 -8.74 16.36
CA CYS B 108 -3.16 -8.21 15.47
C CYS B 108 -3.17 -8.92 14.11
N GLU B 109 -4.36 -9.29 13.67
CA GLU B 109 -4.59 -9.84 12.33
C GLU B 109 -5.27 -8.76 11.51
N TYR B 110 -4.60 -8.28 10.46
CA TYR B 110 -5.18 -7.21 9.64
C TYR B 110 -5.95 -7.80 8.45
N ALA B 111 -7.07 -7.16 8.12
CA ALA B 111 -7.78 -7.47 6.88
C ALA B 111 -6.95 -7.03 5.68
N ASP B 112 -7.31 -7.51 4.49
CA ASP B 112 -6.59 -7.05 3.30
C ASP B 112 -7.13 -5.74 2.73
N GLU B 113 -8.41 -5.41 2.95
CA GLU B 113 -8.90 -4.09 2.56
C GLU B 113 -8.33 -3.03 3.49
N THR B 114 -7.90 -1.89 2.93
CA THR B 114 -7.49 -0.74 3.74
C THR B 114 -8.58 0.35 3.71
N ALA B 115 -8.46 1.33 4.59
CA ALA B 115 -9.52 2.31 4.86
C ALA B 115 -8.98 3.73 4.89
N THR B 116 -9.80 4.69 4.40
CA THR B 116 -9.43 6.08 4.65
C THR B 116 -9.57 6.37 6.14
N ILE B 117 -9.09 7.56 6.55
CA ILE B 117 -9.20 7.95 7.96
C ILE B 117 -10.65 7.97 8.43
N VAL B 118 -11.59 8.34 7.54
CA VAL B 118 -13.00 8.38 7.91
C VAL B 118 -13.56 6.97 8.07
N GLU B 119 -13.26 6.08 7.11
CA GLU B 119 -13.68 4.70 7.26
C GLU B 119 -13.06 4.06 8.50
N PHE B 120 -11.79 4.42 8.80
CA PHE B 120 -11.05 3.87 9.94
C PHE B 120 -11.71 4.26 11.26
N LEU B 121 -11.97 5.56 11.44
CA LEU B 121 -12.65 6.06 12.64
C LEU B 121 -14.04 5.46 12.80
N ASN B 122 -14.77 5.27 11.70
CA ASN B 122 -16.12 4.75 11.81
C ASN B 122 -16.13 3.29 12.24
N ARG B 123 -15.14 2.51 11.82
CA ARG B 123 -15.03 1.10 12.22
C ARG B 123 -14.71 0.98 13.71
N TRP B 124 -13.85 1.86 14.23
CA TRP B 124 -13.47 1.75 15.63
C TRP B 124 -14.49 2.42 16.52
N ILE B 125 -15.20 3.44 16.02
CA ILE B 125 -16.35 3.99 16.74
C ILE B 125 -17.44 2.94 16.86
N THR B 126 -17.70 2.22 15.76
CA THR B 126 -18.63 1.11 15.80
C THR B 126 -18.20 0.06 16.82
N PHE B 127 -16.91 -0.30 16.82
CA PHE B 127 -16.41 -1.33 17.75
C PHE B 127 -16.67 -0.92 19.20
N CYS B 128 -16.41 0.34 19.54
CA CYS B 128 -16.64 0.82 20.89
C CYS B 128 -18.11 0.68 21.27
N GLN B 129 -18.99 1.21 20.42
CA GLN B 129 -20.43 1.14 20.69
C GLN B 129 -20.87 -0.30 20.92
N SER B 130 -20.25 -1.24 20.21
CA SER B 130 -20.63 -2.64 20.37
C SER B 130 -20.32 -3.14 21.77
N ILE B 131 -19.07 -2.94 22.24
CA ILE B 131 -18.69 -3.41 23.57
C ILE B 131 -19.53 -2.73 24.64
N ILE B 132 -19.79 -1.43 24.49
CA ILE B 132 -20.43 -0.64 25.56
C ILE B 132 -21.83 -1.17 25.85
N SER B 133 -22.60 -1.44 24.80
CA SER B 133 -24.01 -1.79 24.97
C SER B 133 -24.19 -3.10 25.73
N THR B 134 -23.23 -4.03 25.61
CA THR B 134 -23.33 -5.30 26.29
C THR B 134 -23.04 -5.20 27.80
N LEU B 135 -22.26 -4.19 28.20
CA LEU B 135 -21.77 -4.08 29.57
C LEU B 135 -22.90 -3.98 30.61
#